data_6TBT
#
_entry.id   6TBT
#
_cell.length_a   65.630
_cell.length_b   65.630
_cell.length_c   156.400
_cell.angle_alpha   90.000
_cell.angle_beta   90.000
_cell.angle_gamma   120.000
#
_symmetry.space_group_name_H-M   'P 31 2 1'
#
loop_
_entity.id
_entity.type
_entity.pdbx_description
1 polymer 'B-cell lymphoma 6 protein'
2 polymer 'Apt48 peptide'
3 non-polymer 'CHLORIDE ION'
4 non-polymer 'MAGNESIUM ION'
5 non-polymer GLYCEROL
6 non-polymer 'SODIUM ION'
7 water water
#
loop_
_entity_poly.entity_id
_entity_poly.type
_entity_poly.pdbx_seq_one_letter_code
_entity_poly.pdbx_strand_id
1 'polypeptide(L)'
;GPDSQIQFTRHASDVLLNLNRLRSRDILTDVVIVVSREQFRAHKTVLMACSGLFYSIFTDQLKRNLSVINLDPEINPEGF
NILLDFMYTSRLNLREGNIMAVMATAMYLQMEHVVDTCRKFIKASE
;
A,B
2 'polypeptide(L)' GPHGPRDWCLFGGP C,D
#
loop_
_chem_comp.id
_chem_comp.type
_chem_comp.name
_chem_comp.formula
CL non-polymer 'CHLORIDE ION' 'Cl -1'
GOL non-polymer GLYCEROL 'C3 H8 O3'
MG non-polymer 'MAGNESIUM ION' 'Mg 2'
NA non-polymer 'SODIUM ION' 'Na 1'
#
# COMPACT_ATOMS: atom_id res chain seq x y z
N SER A 4 16.13 9.07 15.31
CA SER A 4 16.06 8.11 16.47
C SER A 4 14.90 7.12 16.35
N GLN A 5 14.40 6.88 15.14
CA GLN A 5 13.23 6.04 14.89
CA GLN A 5 13.22 6.03 14.92
C GLN A 5 13.61 4.56 14.78
N ILE A 6 12.63 3.68 15.04
CA ILE A 6 12.71 2.24 14.86
C ILE A 6 11.97 1.94 13.55
N GLN A 7 12.53 1.07 12.72
CA GLN A 7 11.89 0.66 11.45
C GLN A 7 11.61 -0.83 11.36
N PHE A 8 10.47 -1.16 10.77
CA PHE A 8 10.04 -2.54 10.60
C PHE A 8 10.29 -2.88 9.13
N THR A 9 11.35 -3.65 8.91
CA THR A 9 11.90 -3.91 7.59
C THR A 9 10.94 -4.61 6.62
N ARG A 10 10.06 -5.45 7.15
CA ARG A 10 9.09 -6.20 6.33
C ARG A 10 7.75 -5.49 6.18
N HIS A 11 7.55 -4.36 6.86
CA HIS A 11 6.21 -3.73 6.91
C HIS A 11 5.63 -3.38 5.54
N ALA A 12 6.38 -2.64 4.75
CA ALA A 12 5.88 -2.18 3.44
C ALA A 12 5.53 -3.36 2.50
N SER A 13 6.40 -4.37 2.45
CA SER A 13 6.12 -5.59 1.70
C SER A 13 4.88 -6.30 2.23
N ASP A 14 4.71 -6.40 3.55
CA ASP A 14 3.50 -7.01 4.13
C ASP A 14 2.24 -6.22 3.79
N VAL A 15 2.33 -4.89 3.80
CA VAL A 15 1.18 -4.05 3.43
C VAL A 15 0.76 -4.35 1.98
N LEU A 16 1.75 -4.36 1.09
CA LEU A 16 1.49 -4.66 -0.33
C LEU A 16 0.89 -6.07 -0.54
N LEU A 17 1.44 -7.07 0.16
CA LEU A 17 0.86 -8.43 0.17
C LEU A 17 -0.62 -8.47 0.56
N ASN A 18 -0.94 -7.79 1.65
CA ASN A 18 -2.31 -7.72 2.12
C ASN A 18 -3.20 -6.90 1.18
N LEU A 19 -2.67 -5.86 0.51
CA LEU A 19 -3.48 -5.14 -0.48
C LEU A 19 -3.81 -6.02 -1.69
N ASN A 20 -2.85 -6.86 -2.10
CA ASN A 20 -3.06 -7.81 -3.18
C ASN A 20 -4.13 -8.87 -2.80
N ARG A 21 -4.08 -9.32 -1.55
CA ARG A 21 -5.13 -10.19 -0.99
C ARG A 21 -6.52 -9.53 -1.05
N LEU A 22 -6.61 -8.26 -0.71
CA LEU A 22 -7.90 -7.54 -0.82
C LEU A 22 -8.35 -7.47 -2.27
N ARG A 23 -7.41 -7.24 -3.20
CA ARG A 23 -7.77 -7.20 -4.62
C ARG A 23 -8.31 -8.56 -5.07
N SER A 24 -7.63 -9.64 -4.68
CA SER A 24 -8.08 -11.01 -5.01
C SER A 24 -9.50 -11.28 -4.52
N ARG A 25 -9.82 -10.78 -3.32
CA ARG A 25 -11.13 -10.98 -2.70
CA ARG A 25 -11.14 -11.00 -2.74
C ARG A 25 -12.16 -9.92 -3.14
N ASP A 26 -11.73 -8.95 -3.97
CA ASP A 26 -12.58 -7.85 -4.44
C ASP A 26 -13.12 -6.97 -3.30
N ILE A 27 -12.27 -6.79 -2.27
CA ILE A 27 -12.57 -5.97 -1.10
C ILE A 27 -11.99 -4.55 -1.28
N LEU A 28 -12.89 -3.57 -1.24
CA LEU A 28 -12.59 -2.14 -1.29
C LEU A 28 -12.07 -1.63 -2.64
N THR A 29 -12.13 -2.48 -3.65
CA THR A 29 -11.79 -2.10 -5.01
C THR A 29 -12.82 -1.07 -5.46
N ASP A 30 -12.34 -0.03 -6.13
CA ASP A 30 -13.17 1.10 -6.51
C ASP A 30 -13.10 1.43 -8.01
N VAL A 31 -12.48 0.57 -8.81
CA VAL A 31 -12.41 0.78 -10.25
C VAL A 31 -12.26 -0.55 -10.99
N VAL A 32 -12.79 -0.58 -12.20
CA VAL A 32 -12.52 -1.63 -13.15
C VAL A 32 -11.80 -0.98 -14.33
N ILE A 33 -10.64 -1.55 -14.67
CA ILE A 33 -9.83 -1.12 -15.79
C ILE A 33 -10.17 -2.03 -16.95
N VAL A 34 -10.59 -1.45 -18.07
CA VAL A 34 -11.01 -2.21 -19.23
C VAL A 34 -9.97 -2.08 -20.36
N VAL A 35 -9.54 -3.22 -20.89
CA VAL A 35 -8.67 -3.26 -22.06
C VAL A 35 -9.38 -4.11 -23.12
N SER A 36 -10.09 -3.44 -24.04
CA SER A 36 -10.97 -4.10 -25.00
C SER A 36 -12.03 -4.99 -24.28
N ARG A 37 -11.89 -6.32 -24.32
CA ARG A 37 -12.86 -7.22 -23.68
C ARG A 37 -12.39 -7.78 -22.32
N GLU A 38 -11.15 -7.47 -21.92
CA GLU A 38 -10.63 -7.92 -20.64
C GLU A 38 -10.83 -6.85 -19.57
N GLN A 39 -11.16 -7.29 -18.35
CA GLN A 39 -11.44 -6.40 -17.23
C GLN A 39 -10.57 -6.73 -16.04
N PHE A 40 -10.16 -5.70 -15.31
CA PHE A 40 -9.24 -5.83 -14.17
C PHE A 40 -9.71 -4.95 -13.00
N ARG A 41 -10.13 -5.55 -11.89
CA ARG A 41 -10.54 -4.77 -10.72
C ARG A 41 -9.31 -4.30 -9.96
N ALA A 42 -9.36 -3.10 -9.38
CA ALA A 42 -8.20 -2.54 -8.68
C ALA A 42 -8.58 -1.48 -7.65
N HIS A 43 -7.60 -1.04 -6.86
CA HIS A 43 -7.71 0.09 -5.96
C HIS A 43 -7.11 1.33 -6.60
N LYS A 44 -7.90 2.40 -6.77
CA LYS A 44 -7.35 3.59 -7.40
C LYS A 44 -6.14 4.16 -6.65
N THR A 45 -6.09 4.01 -5.32
CA THR A 45 -4.92 4.47 -4.53
C THR A 45 -3.63 3.78 -4.95
N VAL A 46 -3.70 2.46 -5.16
CA VAL A 46 -2.53 1.71 -5.63
C VAL A 46 -2.15 2.13 -7.06
N LEU A 47 -3.14 2.27 -7.94
CA LEU A 47 -2.90 2.79 -9.31
C LEU A 47 -2.19 4.15 -9.30
N MET A 48 -2.72 5.09 -8.50
CA MET A 48 -2.10 6.43 -8.34
C MET A 48 -0.68 6.36 -7.82
N ALA A 49 -0.41 5.41 -6.93
CA ALA A 49 0.90 5.30 -6.28
C ALA A 49 1.99 4.72 -7.17
N CYS A 50 1.62 4.04 -8.25
CA CYS A 50 2.53 3.30 -9.14
C CYS A 50 2.62 3.79 -10.59
N SER A 51 1.62 4.50 -11.12
CA SER A 51 1.57 4.85 -12.54
C SER A 51 1.41 6.35 -12.77
N GLY A 52 2.29 6.93 -13.59
CA GLY A 52 2.19 8.36 -13.88
C GLY A 52 0.91 8.75 -14.60
N LEU A 53 0.41 7.83 -15.44
CA LEU A 53 -0.85 8.00 -16.13
C LEU A 53 -2.00 8.08 -15.17
N PHE A 54 -2.10 7.09 -14.30
CA PHE A 54 -3.22 7.06 -13.35
C PHE A 54 -3.12 8.21 -12.34
N TYR A 55 -1.90 8.54 -11.90
CA TYR A 55 -1.71 9.69 -11.03
C TYR A 55 -2.25 10.96 -11.71
N SER A 56 -1.86 11.19 -12.97
CA SER A 56 -2.23 12.42 -13.67
C SER A 56 -3.74 12.54 -13.86
N ILE A 57 -4.39 11.49 -14.34
CA ILE A 57 -5.85 11.60 -14.55
C ILE A 57 -6.60 11.70 -13.23
N PHE A 58 -6.17 10.98 -12.19
CA PHE A 58 -6.87 10.99 -10.90
C PHE A 58 -6.60 12.24 -10.01
N THR A 59 -5.72 13.15 -10.44
CA THR A 59 -5.62 14.47 -9.81
C THR A 59 -6.85 15.35 -10.09
N ASP A 60 -7.52 15.11 -11.21
CA ASP A 60 -8.82 15.73 -11.49
C ASP A 60 -9.91 14.97 -10.75
N GLN A 61 -10.71 15.66 -9.93
CA GLN A 61 -11.79 15.04 -9.15
C GLN A 61 -12.81 14.31 -10.03
N LEU A 62 -13.13 14.90 -11.19
CA LEU A 62 -14.09 14.29 -12.11
C LEU A 62 -13.68 12.89 -12.55
N LYS A 63 -12.46 12.76 -13.07
CA LYS A 63 -11.95 11.44 -13.47
C LYS A 63 -11.66 10.55 -12.27
N ARG A 64 -11.25 11.15 -11.15
CA ARG A 64 -10.99 10.39 -9.91
C ARG A 64 -12.23 9.62 -9.46
N ASN A 65 -13.42 10.16 -9.73
CA ASN A 65 -14.69 9.50 -9.37
C ASN A 65 -15.16 8.35 -10.29
N LEU A 66 -14.53 8.14 -11.43
CA LEU A 66 -14.98 7.12 -12.37
C LEU A 66 -14.82 5.71 -11.80
N SER A 67 -15.82 4.87 -12.00
CA SER A 67 -15.80 3.47 -11.58
C SER A 67 -15.34 2.54 -12.70
N VAL A 68 -15.39 3.01 -13.95
CA VAL A 68 -14.93 2.26 -15.11
C VAL A 68 -13.96 3.15 -15.90
N ILE A 69 -12.75 2.65 -16.16
CA ILE A 69 -11.74 3.37 -16.93
C ILE A 69 -11.31 2.47 -18.11
N ASN A 70 -11.40 3.00 -19.32
CA ASN A 70 -10.98 2.25 -20.52
C ASN A 70 -9.57 2.63 -20.96
N LEU A 71 -8.74 1.62 -21.21
CA LEU A 71 -7.43 1.85 -21.84
C LEU A 71 -7.51 1.66 -23.35
N ASP A 72 -6.52 2.20 -24.05
CA ASP A 72 -6.38 2.00 -25.49
C ASP A 72 -6.51 0.51 -25.83
N PRO A 73 -7.48 0.12 -26.69
CA PRO A 73 -7.63 -1.32 -27.02
C PRO A 73 -6.45 -1.96 -27.77
N GLU A 74 -5.51 -1.16 -28.24
CA GLU A 74 -4.28 -1.70 -28.82
C GLU A 74 -3.28 -2.20 -27.76
N ILE A 75 -3.54 -1.90 -26.48
CA ILE A 75 -2.72 -2.38 -25.37
C ILE A 75 -2.84 -3.90 -25.30
N ASN A 76 -1.70 -4.56 -25.10
CA ASN A 76 -1.65 -5.99 -24.89
C ASN A 76 -2.20 -6.25 -23.48
N PRO A 77 -3.36 -6.93 -23.37
CA PRO A 77 -3.97 -7.11 -22.03
C PRO A 77 -3.14 -7.94 -21.05
N GLU A 78 -2.35 -8.90 -21.54
CA GLU A 78 -1.41 -9.63 -20.68
C GLU A 78 -0.27 -8.72 -20.24
N GLY A 79 0.16 -7.79 -21.11
CA GLY A 79 1.10 -6.75 -20.75
C GLY A 79 0.57 -5.94 -19.57
N PHE A 80 -0.70 -5.54 -19.65
CA PHE A 80 -1.32 -4.81 -18.55
C PHE A 80 -1.40 -5.65 -17.26
N ASN A 81 -1.81 -6.90 -17.40
CA ASN A 81 -1.94 -7.83 -16.29
C ASN A 81 -0.62 -8.03 -15.55
N ILE A 82 0.45 -8.19 -16.34
CA ILE A 82 1.82 -8.29 -15.80
C ILE A 82 2.14 -7.06 -14.92
N LEU A 83 1.82 -5.89 -15.46
CA LEU A 83 2.17 -4.62 -14.80
C LEU A 83 1.28 -4.33 -13.59
N LEU A 84 -0.01 -4.69 -13.69
CA LEU A 84 -0.89 -4.62 -12.52
C LEU A 84 -0.42 -5.52 -11.37
N ASP A 85 -0.09 -6.78 -11.68
CA ASP A 85 0.49 -7.67 -10.68
C ASP A 85 1.80 -7.11 -10.11
N PHE A 86 2.65 -6.52 -10.93
CA PHE A 86 3.84 -5.83 -10.43
C PHE A 86 3.49 -4.72 -9.42
N MET A 87 2.49 -3.89 -9.73
CA MET A 87 2.09 -2.82 -8.80
C MET A 87 1.81 -3.41 -7.42
N TYR A 88 1.15 -4.58 -7.41
CA TYR A 88 0.75 -5.22 -6.16
C TYR A 88 1.76 -6.21 -5.55
N THR A 89 2.91 -6.42 -6.18
CA THR A 89 3.91 -7.39 -5.69
C THR A 89 5.39 -6.98 -5.70
N SER A 90 5.72 -5.92 -6.44
N SER A 90 5.73 -5.92 -6.44
CA SER A 90 7.12 -5.52 -6.70
CA SER A 90 7.12 -5.54 -6.67
C SER A 90 7.88 -6.42 -7.69
C SER A 90 7.91 -6.48 -7.59
N ARG A 91 7.25 -7.50 -8.15
CA ARG A 91 7.90 -8.52 -9.02
C ARG A 91 7.39 -8.53 -10.45
N LEU A 92 8.32 -8.78 -11.39
CA LEU A 92 8.04 -8.93 -12.82
C LEU A 92 8.79 -10.17 -13.36
N ASN A 93 8.14 -10.91 -14.26
CA ASN A 93 8.80 -11.88 -15.13
C ASN A 93 9.13 -11.10 -16.41
N LEU A 94 10.41 -10.79 -16.60
CA LEU A 94 10.89 -10.13 -17.81
C LEU A 94 11.75 -11.13 -18.60
N ARG A 95 11.29 -11.45 -19.80
CA ARG A 95 11.91 -12.52 -20.60
C ARG A 95 11.80 -12.21 -22.09
N GLU A 96 12.56 -12.96 -22.89
CA GLU A 96 12.63 -12.75 -24.34
C GLU A 96 11.24 -12.52 -24.98
N GLY A 97 10.30 -13.39 -24.66
CA GLY A 97 9.01 -13.44 -25.35
C GLY A 97 7.98 -12.40 -24.97
N ASN A 98 8.19 -11.72 -23.84
CA ASN A 98 7.25 -10.68 -23.38
C ASN A 98 7.83 -9.26 -23.27
N ILE A 99 9.16 -9.11 -23.34
CA ILE A 99 9.79 -7.81 -23.04
C ILE A 99 9.25 -6.65 -23.88
N MET A 100 8.95 -6.87 -25.17
CA MET A 100 8.47 -5.76 -26.02
C MET A 100 7.07 -5.28 -25.61
N ALA A 101 6.20 -6.24 -25.31
CA ALA A 101 4.85 -5.93 -24.86
C ALA A 101 4.83 -5.26 -23.48
N VAL A 102 5.67 -5.73 -22.57
CA VAL A 102 5.76 -5.16 -21.23
C VAL A 102 6.31 -3.73 -21.33
N MET A 103 7.35 -3.54 -22.15
CA MET A 103 7.96 -2.23 -22.31
C MET A 103 6.93 -1.23 -22.86
N ALA A 104 6.25 -1.60 -23.94
CA ALA A 104 5.23 -0.74 -24.56
C ALA A 104 4.13 -0.35 -23.55
N THR A 105 3.64 -1.33 -22.82
CA THR A 105 2.62 -1.10 -21.79
C THR A 105 3.13 -0.18 -20.66
N ALA A 106 4.36 -0.41 -20.21
CA ALA A 106 4.96 0.43 -19.17
C ALA A 106 5.14 1.87 -19.62
N MET A 107 5.48 2.08 -20.90
CA MET A 107 5.57 3.43 -21.47
C MET A 107 4.20 4.12 -21.45
N TYR A 108 3.17 3.44 -21.93
CA TYR A 108 1.77 3.91 -21.88
C TYR A 108 1.33 4.29 -20.46
N LEU A 109 1.64 3.44 -19.49
CA LEU A 109 1.30 3.68 -18.09
C LEU A 109 2.22 4.65 -17.34
N GLN A 110 3.31 5.09 -18.00
CA GLN A 110 4.30 5.99 -17.42
C GLN A 110 4.84 5.40 -16.13
N MET A 111 5.41 4.20 -16.25
CA MET A 111 6.06 3.53 -15.17
C MET A 111 7.56 3.53 -15.50
N GLU A 112 8.23 4.59 -15.05
CA GLU A 112 9.58 4.94 -15.54
C GLU A 112 10.68 3.95 -15.19
N HIS A 113 10.61 3.35 -14.01
CA HIS A 113 11.64 2.40 -13.57
C HIS A 113 11.52 1.06 -14.33
N VAL A 114 10.30 0.62 -14.60
CA VAL A 114 10.08 -0.58 -15.42
C VAL A 114 10.56 -0.32 -16.86
N VAL A 115 10.26 0.85 -17.41
CA VAL A 115 10.71 1.18 -18.75
C VAL A 115 12.24 1.15 -18.79
N ASP A 116 12.87 1.79 -17.80
CA ASP A 116 14.34 1.85 -17.74
C ASP A 116 14.95 0.46 -17.74
N THR A 117 14.39 -0.44 -16.94
CA THR A 117 14.92 -1.81 -16.86
C THR A 117 14.71 -2.61 -18.16
N CYS A 118 13.56 -2.43 -18.81
CA CYS A 118 13.32 -3.03 -20.11
C CYS A 118 14.36 -2.56 -21.12
N ARG A 119 14.58 -1.24 -21.18
CA ARG A 119 15.60 -0.66 -22.07
C ARG A 119 16.96 -1.34 -21.89
N LYS A 120 17.37 -1.47 -20.63
CA LYS A 120 18.66 -2.08 -20.31
C LYS A 120 18.71 -3.55 -20.76
N PHE A 121 17.65 -4.30 -20.51
CA PHE A 121 17.60 -5.72 -20.91
C PHE A 121 17.66 -5.86 -22.44
N ILE A 122 16.91 -5.01 -23.16
CA ILE A 122 16.93 -5.03 -24.63
C ILE A 122 18.32 -4.70 -25.16
N LYS A 123 18.96 -3.69 -24.58
CA LYS A 123 20.28 -3.24 -25.05
C LYS A 123 21.34 -4.32 -24.91
N ALA A 124 21.27 -5.10 -23.84
CA ALA A 124 22.21 -6.22 -23.61
C ALA A 124 22.12 -7.36 -24.63
N SER A 125 21.00 -7.45 -25.36
CA SER A 125 20.79 -8.46 -26.41
C SER A 125 21.13 -7.97 -27.83
N GLU A 126 21.58 -6.72 -27.97
CA GLU A 126 22.02 -6.18 -29.26
C GLU A 126 23.42 -6.70 -29.60
N SER B 4 7.72 -12.43 -11.23
CA SER B 4 8.45 -13.68 -10.85
C SER B 4 9.89 -13.39 -10.37
N GLN B 5 10.85 -13.31 -11.29
CA GLN B 5 12.26 -13.37 -10.92
C GLN B 5 12.94 -12.01 -10.72
N ILE B 6 12.43 -10.97 -11.38
CA ILE B 6 12.91 -9.60 -11.22
C ILE B 6 12.09 -8.89 -10.14
N GLN B 7 12.76 -8.28 -9.17
CA GLN B 7 12.10 -7.48 -8.13
C GLN B 7 12.64 -6.06 -8.11
N PHE B 8 11.76 -5.10 -7.82
CA PHE B 8 12.18 -3.72 -7.65
C PHE B 8 12.19 -3.50 -6.14
N THR B 9 13.39 -3.37 -5.58
CA THR B 9 13.56 -3.44 -4.14
CA THR B 9 13.61 -3.40 -4.14
C THR B 9 12.95 -2.25 -3.38
N ARG B 10 12.82 -1.09 -4.03
CA ARG B 10 12.24 0.11 -3.39
C ARG B 10 10.72 0.26 -3.66
N HIS B 11 10.12 -0.69 -4.38
CA HIS B 11 8.75 -0.50 -4.86
C HIS B 11 7.73 -0.39 -3.72
N ALA B 12 7.72 -1.36 -2.81
CA ALA B 12 6.75 -1.36 -1.70
C ALA B 12 6.86 -0.10 -0.83
N SER B 13 8.08 0.29 -0.50
CA SER B 13 8.31 1.54 0.24
C SER B 13 7.84 2.78 -0.51
N ASP B 14 8.09 2.84 -1.81
CA ASP B 14 7.62 3.97 -2.63
C ASP B 14 6.08 3.99 -2.69
N VAL B 15 5.46 2.82 -2.74
CA VAL B 15 3.99 2.75 -2.74
C VAL B 15 3.48 3.33 -1.40
N LEU B 16 4.04 2.86 -0.30
CA LEU B 16 3.64 3.38 1.01
C LEU B 16 3.86 4.90 1.15
N LEU B 17 5.01 5.40 0.68
CA LEU B 17 5.26 6.86 0.64
C LEU B 17 4.16 7.62 -0.12
N ASN B 18 3.81 7.14 -1.30
CA ASN B 18 2.78 7.77 -2.13
C ASN B 18 1.39 7.66 -1.50
N LEU B 19 1.08 6.54 -0.85
CA LEU B 19 -0.15 6.41 -0.08
C LEU B 19 -0.23 7.44 1.07
N ASN B 20 0.88 7.67 1.75
CA ASN B 20 0.90 8.64 2.83
C ASN B 20 0.73 10.08 2.30
N ARG B 21 1.28 10.36 1.12
CA ARG B 21 1.03 11.63 0.42
C ARG B 21 -0.45 11.85 0.08
N LEU B 22 -1.10 10.80 -0.41
CA LEU B 22 -2.56 10.86 -0.64
C LEU B 22 -3.32 11.12 0.65
N ARG B 23 -2.91 10.50 1.76
CA ARG B 23 -3.51 10.79 3.06
C ARG B 23 -3.35 12.27 3.44
N SER B 24 -2.13 12.80 3.32
CA SER B 24 -1.85 14.22 3.62
C SER B 24 -2.74 15.15 2.82
N ARG B 25 -2.91 14.83 1.54
CA ARG B 25 -3.75 15.60 0.62
C ARG B 25 -5.25 15.32 0.72
N ASP B 26 -5.66 14.36 1.57
CA ASP B 26 -7.05 13.92 1.68
C ASP B 26 -7.65 13.40 0.36
N ILE B 27 -6.87 12.61 -0.36
CA ILE B 27 -7.24 12.05 -1.64
C ILE B 27 -7.58 10.58 -1.43
N LEU B 28 -8.81 10.26 -1.79
CA LEU B 28 -9.37 8.91 -1.77
C LEU B 28 -9.49 8.33 -0.36
N THR B 29 -9.28 9.15 0.67
CA THR B 29 -9.58 8.74 2.04
C THR B 29 -11.08 8.43 2.14
N ASP B 30 -11.41 7.38 2.88
CA ASP B 30 -12.82 6.88 3.00
C ASP B 30 -13.28 6.63 4.41
N VAL B 31 -12.50 7.07 5.40
CA VAL B 31 -12.90 6.94 6.77
C VAL B 31 -12.29 8.02 7.64
N VAL B 32 -13.02 8.39 8.70
CA VAL B 32 -12.48 9.17 9.82
C VAL B 32 -12.56 8.28 11.06
N ILE B 33 -11.42 8.10 11.72
CA ILE B 33 -11.34 7.45 13.03
C ILE B 33 -11.34 8.50 14.14
N VAL B 34 -12.20 8.29 15.14
CA VAL B 34 -12.33 9.23 16.26
C VAL B 34 -11.85 8.57 17.55
N VAL B 35 -10.95 9.26 18.25
CA VAL B 35 -10.30 8.78 19.47
C VAL B 35 -10.37 9.95 20.46
N SER B 36 -11.23 9.84 21.48
CA SER B 36 -11.37 10.90 22.51
C SER B 36 -11.48 12.31 21.92
N ARG B 37 -12.38 12.44 20.95
CA ARG B 37 -12.74 13.70 20.26
C ARG B 37 -11.66 14.26 19.29
N GLU B 38 -10.61 13.48 19.03
CA GLU B 38 -9.64 13.81 17.98
C GLU B 38 -9.94 12.96 16.75
N GLN B 39 -9.85 13.57 15.57
CA GLN B 39 -10.22 12.93 14.31
C GLN B 39 -9.01 12.66 13.45
N PHE B 40 -9.00 11.51 12.79
CA PHE B 40 -7.90 11.06 11.94
C PHE B 40 -8.47 10.46 10.67
N ARG B 41 -8.18 11.08 9.53
CA ARG B 41 -8.57 10.56 8.20
CA ARG B 41 -8.62 10.51 8.25
C ARG B 41 -7.63 9.44 7.75
N ALA B 42 -8.16 8.47 7.01
CA ALA B 42 -7.37 7.33 6.57
C ALA B 42 -8.04 6.60 5.40
N HIS B 43 -7.28 5.66 4.86
CA HIS B 43 -7.71 4.75 3.81
C HIS B 43 -8.03 3.43 4.48
N LYS B 44 -9.26 2.95 4.32
CA LYS B 44 -9.63 1.65 4.88
C LYS B 44 -8.79 0.47 4.40
N THR B 45 -8.33 0.51 3.15
CA THR B 45 -7.43 -0.53 2.64
C THR B 45 -6.14 -0.62 3.47
N VAL B 46 -5.54 0.52 3.81
CA VAL B 46 -4.32 0.56 4.62
C VAL B 46 -4.65 0.03 6.05
N LEU B 47 -5.76 0.49 6.62
CA LEU B 47 -6.13 0.02 7.97
C LEU B 47 -6.28 -1.49 8.00
N MET B 48 -6.97 -2.04 6.99
CA MET B 48 -7.18 -3.51 6.89
C MET B 48 -5.86 -4.26 6.73
N ALA B 49 -4.97 -3.69 5.94
CA ALA B 49 -3.70 -4.34 5.66
C ALA B 49 -2.72 -4.33 6.85
N CYS B 50 -2.96 -3.49 7.87
CA CYS B 50 -2.06 -3.25 9.03
C CYS B 50 -2.55 -3.66 10.42
N SER B 51 -3.87 -3.75 10.61
CA SER B 51 -4.48 -3.96 11.90
C SER B 51 -5.46 -5.15 11.85
N GLY B 52 -5.25 -6.11 12.74
CA GLY B 52 -6.18 -7.23 12.91
C GLY B 52 -7.59 -6.80 13.32
N LEU B 53 -7.70 -5.72 14.10
CA LEU B 53 -9.02 -5.18 14.47
C LEU B 53 -9.74 -4.66 13.24
N PHE B 54 -9.11 -3.77 12.49
CA PHE B 54 -9.74 -3.20 11.31
C PHE B 54 -9.99 -4.25 10.24
N TYR B 55 -9.07 -5.21 10.09
CA TYR B 55 -9.29 -6.33 9.18
C TYR B 55 -10.60 -7.07 9.53
N SER B 56 -10.77 -7.44 10.80
CA SER B 56 -11.96 -8.21 11.21
C SER B 56 -13.25 -7.41 11.04
N ILE B 57 -13.22 -6.14 11.45
CA ILE B 57 -14.39 -5.24 11.31
C ILE B 57 -14.78 -5.06 9.85
N PHE B 58 -13.81 -4.71 9.01
CA PHE B 58 -14.08 -4.37 7.62
C PHE B 58 -14.30 -5.52 6.64
N THR B 59 -14.12 -6.77 7.08
CA THR B 59 -14.49 -7.92 6.25
C THR B 59 -16.01 -8.06 6.17
N ASP B 60 -16.70 -7.59 7.20
CA ASP B 60 -18.16 -7.44 7.10
C ASP B 60 -18.49 -6.26 6.20
N GLN B 61 -19.27 -6.51 5.14
CA GLN B 61 -19.67 -5.47 4.17
C GLN B 61 -20.39 -4.28 4.84
N LEU B 62 -21.21 -4.55 5.85
CA LEU B 62 -21.91 -3.48 6.52
C LEU B 62 -20.98 -2.49 7.22
N LYS B 63 -20.10 -2.97 8.07
CA LYS B 63 -19.15 -2.10 8.77
C LYS B 63 -18.09 -1.54 7.81
N ARG B 64 -17.74 -2.31 6.78
CA ARG B 64 -16.88 -1.82 5.66
C ARG B 64 -17.34 -0.48 5.07
N ASN B 65 -18.65 -0.24 5.00
CA ASN B 65 -19.20 1.00 4.43
C ASN B 65 -19.22 2.22 5.36
N LEU B 66 -18.89 2.04 6.64
CA LEU B 66 -18.95 3.14 7.61
C LEU B 66 -17.92 4.23 7.28
N SER B 67 -18.36 5.49 7.28
CA SER B 67 -17.46 6.64 7.08
C SER B 67 -16.84 7.19 8.36
N VAL B 68 -17.46 6.90 9.51
CA VAL B 68 -16.98 7.33 10.81
C VAL B 68 -16.91 6.10 11.71
N ILE B 69 -15.77 5.93 12.38
CA ILE B 69 -15.54 4.80 13.29
C ILE B 69 -14.94 5.36 14.58
N ASN B 70 -15.56 5.02 15.71
CA ASN B 70 -15.11 5.44 17.02
C ASN B 70 -14.30 4.33 17.67
N LEU B 71 -13.13 4.67 18.22
CA LEU B 71 -12.40 3.73 19.08
C LEU B 71 -12.81 3.91 20.55
N ASP B 72 -12.48 2.92 21.35
CA ASP B 72 -12.70 2.95 22.80
C ASP B 72 -12.22 4.29 23.38
N PRO B 73 -13.07 5.00 24.17
CA PRO B 73 -12.66 6.31 24.71
C PRO B 73 -11.46 6.34 25.68
N GLU B 74 -10.99 5.19 26.16
CA GLU B 74 -9.77 5.12 26.97
C GLU B 74 -8.49 5.05 26.14
N ILE B 75 -8.59 4.83 24.84
CA ILE B 75 -7.40 4.78 23.97
C ILE B 75 -6.76 6.17 23.93
N ASN B 76 -5.42 6.19 24.03
CA ASN B 76 -4.67 7.43 23.93
C ASN B 76 -4.60 7.86 22.47
N PRO B 77 -5.14 9.04 22.12
CA PRO B 77 -5.06 9.53 20.73
C PRO B 77 -3.65 9.66 20.17
N GLU B 78 -2.69 10.04 21.01
CA GLU B 78 -1.29 10.10 20.57
C GLU B 78 -0.74 8.72 20.26
N GLY B 79 -1.10 7.72 21.06
CA GLY B 79 -0.78 6.33 20.73
C GLY B 79 -1.33 5.90 19.37
N PHE B 80 -2.59 6.26 19.10
CA PHE B 80 -3.22 5.98 17.80
C PHE B 80 -2.52 6.75 16.68
N ASN B 81 -2.28 8.04 16.91
CA ASN B 81 -1.53 8.85 15.92
C ASN B 81 -0.20 8.21 15.54
N ILE B 82 0.56 7.82 16.56
CA ILE B 82 1.84 7.13 16.39
C ILE B 82 1.69 5.85 15.53
N LEU B 83 0.66 5.05 15.82
CA LEU B 83 0.46 3.79 15.12
C LEU B 83 -0.12 3.96 13.71
N LEU B 84 -0.95 4.98 13.49
CA LEU B 84 -1.45 5.33 12.16
C LEU B 84 -0.29 5.81 11.26
N ASP B 85 0.58 6.64 11.80
CA ASP B 85 1.77 7.09 11.04
C ASP B 85 2.68 5.88 10.75
N PHE B 86 2.82 4.96 11.70
CA PHE B 86 3.59 3.71 11.46
C PHE B 86 3.01 2.91 10.29
N MET B 87 1.68 2.76 10.25
CA MET B 87 1.03 2.06 9.15
C MET B 87 1.46 2.60 7.78
N TYR B 88 1.54 3.92 7.67
CA TYR B 88 1.88 4.56 6.40
C TYR B 88 3.39 4.81 6.19
N THR B 89 4.25 4.46 7.15
CA THR B 89 5.71 4.71 7.02
C THR B 89 6.66 3.56 7.34
N SER B 90 6.22 2.56 8.11
CA SER B 90 7.08 1.50 8.67
C SER B 90 7.96 1.96 9.84
N ARG B 91 7.83 3.21 10.30
CA ARG B 91 8.70 3.77 11.35
C ARG B 91 7.88 4.22 12.56
N LEU B 92 8.51 4.09 13.73
CA LEU B 92 7.89 4.37 15.00
C LEU B 92 8.95 4.88 15.97
N ASN B 93 8.59 5.84 16.82
CA ASN B 93 9.45 6.24 17.94
C ASN B 93 8.94 5.47 19.17
N LEU B 94 9.77 4.57 19.68
CA LEU B 94 9.48 3.78 20.87
C LEU B 94 10.45 4.26 21.92
N ARG B 95 9.91 4.89 22.96
CA ARG B 95 10.70 5.52 24.00
C ARG B 95 10.07 5.36 25.37
N GLU B 96 10.83 5.65 26.42
CA GLU B 96 10.36 5.45 27.80
C GLU B 96 8.98 6.08 28.04
N GLY B 97 8.80 7.30 27.54
CA GLY B 97 7.61 8.08 27.82
C GLY B 97 6.36 7.66 27.07
N ASN B 98 6.50 6.87 26.00
CA ASN B 98 5.32 6.45 25.22
C ASN B 98 5.08 4.94 25.07
N ILE B 99 5.97 4.11 25.63
CA ILE B 99 5.95 2.68 25.30
C ILE B 99 4.68 1.98 25.82
N MET B 100 4.19 2.39 27.00
CA MET B 100 3.02 1.73 27.58
C MET B 100 1.77 2.07 26.78
N ALA B 101 1.64 3.33 26.36
CA ALA B 101 0.51 3.76 25.52
C ALA B 101 0.56 3.14 24.12
N VAL B 102 1.76 3.04 23.54
CA VAL B 102 1.88 2.41 22.21
C VAL B 102 1.52 0.91 22.26
N MET B 103 2.02 0.21 23.27
CA MET B 103 1.80 -1.22 23.41
C MET B 103 0.31 -1.47 23.61
N ALA B 104 -0.29 -0.69 24.51
CA ALA B 104 -1.74 -0.81 24.77
C ALA B 104 -2.56 -0.58 23.51
N THR B 105 -2.18 0.45 22.75
CA THR B 105 -2.92 0.78 21.53
C THR B 105 -2.68 -0.30 20.48
N ALA B 106 -1.45 -0.79 20.37
CA ALA B 106 -1.12 -1.84 19.39
C ALA B 106 -1.80 -3.17 19.75
N MET B 107 -1.95 -3.46 21.04
CA MET B 107 -2.75 -4.61 21.50
C MET B 107 -4.22 -4.48 21.06
N TYR B 108 -4.79 -3.32 21.31
CA TYR B 108 -6.18 -3.00 20.90
C TYR B 108 -6.40 -3.13 19.38
N LEU B 109 -5.45 -2.61 18.60
CA LEU B 109 -5.52 -2.68 17.13
C LEU B 109 -5.10 -4.04 16.54
N GLN B 110 -4.60 -4.94 17.37
CA GLN B 110 -4.10 -6.24 16.92
C GLN B 110 -2.97 -6.05 15.86
N MET B 111 -1.89 -5.43 16.30
CA MET B 111 -0.71 -5.17 15.47
C MET B 111 0.44 -5.97 16.07
N GLU B 112 0.53 -7.24 15.66
CA GLU B 112 1.29 -8.25 16.39
C GLU B 112 2.78 -7.93 16.49
N HIS B 113 3.35 -7.39 15.41
CA HIS B 113 4.81 -7.17 15.35
C HIS B 113 5.22 -6.00 16.22
N VAL B 114 4.42 -4.93 16.24
CA VAL B 114 4.62 -3.83 17.16
C VAL B 114 4.48 -4.32 18.61
N VAL B 115 3.49 -5.16 18.89
CA VAL B 115 3.27 -5.68 20.25
C VAL B 115 4.51 -6.47 20.71
N ASP B 116 4.97 -7.39 19.87
CA ASP B 116 6.17 -8.21 20.15
C ASP B 116 7.41 -7.38 20.45
N THR B 117 7.63 -6.34 19.65
CA THR B 117 8.75 -5.41 19.87
C THR B 117 8.62 -4.64 21.19
N CYS B 118 7.42 -4.12 21.46
CA CYS B 118 7.16 -3.42 22.71
C CYS B 118 7.45 -4.31 23.90
N ARG B 119 6.98 -5.56 23.83
CA ARG B 119 7.24 -6.59 24.87
C ARG B 119 8.73 -6.73 25.13
N LYS B 120 9.48 -6.93 24.05
CA LYS B 120 10.95 -7.06 24.15
C LYS B 120 11.60 -5.84 24.81
N PHE B 121 11.15 -4.65 24.44
CA PHE B 121 11.71 -3.40 24.99
C PHE B 121 11.41 -3.23 26.48
N ILE B 122 10.18 -3.60 26.87
CA ILE B 122 9.77 -3.56 28.28
C ILE B 122 10.59 -4.56 29.10
N LYS B 123 10.75 -5.78 28.60
CA LYS B 123 11.52 -6.81 29.32
C LYS B 123 12.99 -6.45 29.53
N ALA B 124 13.57 -5.75 28.56
CA ALA B 124 14.96 -5.28 28.69
C ALA B 124 15.19 -4.26 29.83
N SER B 125 14.13 -3.55 30.24
CA SER B 125 14.19 -2.65 31.41
C SER B 125 13.65 -3.30 32.69
N GLU B 126 13.58 -4.63 32.73
CA GLU B 126 13.05 -5.42 33.85
C GLU B 126 11.55 -5.18 34.07
N ASP C 7 16.39 0.91 -8.87
CA ASP C 7 17.07 -0.30 -9.43
C ASP C 7 16.21 -1.58 -9.33
N TRP C 8 16.71 -2.64 -9.96
CA TRP C 8 16.11 -3.98 -9.95
C TRP C 8 17.12 -4.94 -9.33
N CYS C 9 16.64 -6.08 -8.82
CA CYS C 9 17.51 -7.16 -8.36
C CYS C 9 16.83 -8.50 -8.55
N LEU C 10 17.59 -9.59 -8.41
CA LEU C 10 17.00 -10.94 -8.45
C LEU C 10 16.17 -11.23 -7.19
N PHE C 11 14.94 -11.72 -7.37
CA PHE C 11 14.06 -12.02 -6.23
C PHE C 11 14.58 -13.18 -5.38
N GLY C 12 15.04 -14.25 -6.04
CA GLY C 12 15.76 -15.34 -5.36
C GLY C 12 14.89 -16.34 -4.64
N ASP D 7 10.71 -8.24 11.91
CA ASP D 7 11.92 -7.81 12.65
C ASP D 7 12.05 -6.29 12.61
N TRP D 8 12.81 -5.74 13.55
CA TRP D 8 12.95 -4.29 13.67
C TRP D 8 14.42 -3.94 13.52
N CYS D 9 14.68 -2.70 13.16
CA CYS D 9 16.05 -2.18 13.14
C CYS D 9 16.08 -0.68 13.34
N LEU D 10 17.28 -0.14 13.54
CA LEU D 10 17.43 1.30 13.62
C LEU D 10 17.28 1.96 12.26
N PHE D 11 16.42 2.98 12.17
CA PHE D 11 16.18 3.67 10.90
C PHE D 11 17.37 4.51 10.43
N GLY D 12 17.93 5.28 11.36
CA GLY D 12 19.06 6.16 11.05
C GLY D 12 18.64 7.33 10.18
CL CL E . 7.93 2.04 -12.35
CL CL F . -11.13 11.93 -3.21
CL CL G . -9.71 -8.48 -25.51
CL CL H . 10.31 -16.19 -23.47
CL CL I . 2.42 -4.98 13.32
MG MG J . -15.79 9.08 3.36
MG MG K . 2.57 6.41 27.94
C1 GOL L . -9.47 3.52 0.57
O1 GOL L . -9.89 2.31 1.23
C2 GOL L . -9.22 3.33 -0.91
O2 GOL L . -8.01 2.56 -1.07
C3 GOL L . -10.46 2.66 -1.53
O3 GOL L . -10.38 1.24 -1.38
NA NA M . -18.74 5.30 3.48
#